data_1VFE
#
_entry.id   1VFE
#
_cell.length_a   97.900
_cell.length_b   78.800
_cell.length_c   58.900
_cell.angle_alpha   90.00
_cell.angle_beta   99.20
_cell.angle_gamma   90.00
#
_symmetry.space_group_name_H-M   'C 1 2 1'
#
loop_
_entity.id
_entity.type
_entity.pdbx_description
1 polymer 'HUMAN LACTOFERRIN'
2 non-polymer 'FE (III) ION'
3 non-polymer 'CARBONATE ION'
4 water water
#
_entity_poly.entity_id   1
_entity_poly.type   'polypeptide(L)'
_entity_poly.pdbx_seq_one_letter_code
;GRRRSVQWCAVSQPEATKCFQWQRNMRRVRGPPVSCIKRDSPIQCIQAIAENRADAVTLDGGFIYEAGLAPYKLRPVAAE
VYGTERQPRTHYYAVAVVKKGGSFQLNELQGLKSCHTGLRSTAGWNVPIGTLRPFLNWTGPPEPIEAAVARFFSASCVPG
ADKGQFPNLCRLCAGTGENKCAFSSQEPYFSYSGAFKCLRDGAGDVAFIRESTVFEDLSDEAERDEYELLCPDNTRKPVD
KFKDCHLARVPSHAVVARSVNGKEDAIWNLLRQAQEKFGKDKSPKFQLFGSPSGQKDLLFKDSAIGFSRVPPRIDSGLYL
GSGYFTAIQNLRK
;
_entity_poly.pdbx_strand_id   A
#
loop_
_chem_comp.id
_chem_comp.type
_chem_comp.name
_chem_comp.formula
CO3 non-polymer 'CARBONATE ION' 'C O3 -2'
FE non-polymer 'FE (III) ION' 'Fe 3'
#
# COMPACT_ATOMS: atom_id res chain seq x y z
N SER A 5 11.53 -13.74 -20.89
CA SER A 5 11.72 -13.74 -19.45
C SER A 5 11.43 -12.38 -18.79
N VAL A 6 10.46 -12.40 -17.88
CA VAL A 6 9.97 -11.22 -17.17
C VAL A 6 10.91 -10.62 -16.14
N GLN A 7 11.19 -9.34 -16.28
CA GLN A 7 12.05 -8.62 -15.35
C GLN A 7 11.19 -7.83 -14.38
N TRP A 8 11.27 -8.20 -13.12
CA TRP A 8 10.49 -7.55 -12.08
C TRP A 8 11.26 -6.36 -11.56
N CYS A 9 10.54 -5.33 -11.16
CA CYS A 9 11.21 -4.16 -10.64
C CYS A 9 11.12 -4.17 -9.13
N ALA A 10 12.29 -4.26 -8.50
CA ALA A 10 12.35 -4.30 -7.04
C ALA A 10 12.54 -2.88 -6.53
N VAL A 11 11.79 -2.53 -5.51
CA VAL A 11 11.88 -1.18 -4.98
C VAL A 11 12.97 -0.98 -3.93
N SER A 12 13.32 -2.03 -3.20
CA SER A 12 14.37 -1.92 -2.19
C SER A 12 15.31 -3.12 -2.22
N GLN A 13 16.38 -3.04 -1.44
CA GLN A 13 17.33 -4.15 -1.31
C GLN A 13 16.79 -5.45 -0.70
N PRO A 14 15.78 -5.38 0.16
CA PRO A 14 15.16 -6.62 0.64
C PRO A 14 14.14 -7.18 -0.36
N GLU A 15 13.70 -6.35 -1.30
CA GLU A 15 12.77 -6.77 -2.33
C GLU A 15 13.53 -7.56 -3.37
N ALA A 16 14.72 -7.03 -3.70
CA ALA A 16 15.67 -7.61 -4.65
C ALA A 16 16.20 -8.98 -4.20
N THR A 17 16.40 -9.11 -2.88
CA THR A 17 16.85 -10.35 -2.27
C THR A 17 15.75 -11.39 -2.35
N LYS A 18 14.50 -10.93 -2.28
CA LYS A 18 13.35 -11.83 -2.42
C LYS A 18 13.15 -12.21 -3.87
N CYS A 19 13.45 -11.25 -4.74
CA CYS A 19 13.34 -11.40 -6.18
C CYS A 19 14.32 -12.42 -6.72
N PHE A 20 15.53 -12.40 -6.17
CA PHE A 20 16.58 -13.34 -6.54
C PHE A 20 16.28 -14.70 -5.97
N GLN A 21 15.57 -14.72 -4.85
CA GLN A 21 15.15 -15.95 -4.22
C GLN A 21 14.04 -16.57 -5.05
N TRP A 22 13.18 -15.70 -5.58
CA TRP A 22 12.06 -16.09 -6.47
C TRP A 22 12.60 -16.68 -7.77
N GLN A 23 13.59 -16.01 -8.35
CA GLN A 23 14.24 -16.42 -9.58
C GLN A 23 14.92 -17.79 -9.54
N ARG A 24 15.60 -18.08 -8.44
CA ARG A 24 16.29 -19.36 -8.26
C ARG A 24 15.36 -20.49 -7.89
N ASN A 25 14.20 -20.12 -7.35
CA ASN A 25 13.20 -21.12 -7.01
C ASN A 25 12.35 -21.46 -8.23
N MET A 26 12.32 -20.56 -9.19
CA MET A 26 11.57 -20.78 -10.43
C MET A 26 12.36 -21.69 -11.39
N ARG A 27 13.68 -21.53 -11.34
CA ARG A 27 14.61 -22.29 -12.16
C ARG A 27 14.72 -23.71 -11.61
N ARG A 28 14.57 -23.81 -10.29
CA ARG A 28 14.61 -25.05 -9.52
C ARG A 28 13.46 -26.01 -9.77
N VAL A 29 12.35 -25.53 -10.31
CA VAL A 29 11.19 -26.38 -10.45
C VAL A 29 10.66 -26.31 -11.87
N ARG A 30 11.49 -25.71 -12.71
CA ARG A 30 11.22 -25.50 -14.13
C ARG A 30 10.00 -24.64 -14.44
N GLY A 31 9.87 -23.54 -13.74
CA GLY A 31 8.77 -22.61 -14.01
C GLY A 31 9.31 -21.62 -15.03
N PRO A 32 8.50 -20.62 -15.35
CA PRO A 32 8.91 -19.58 -16.28
C PRO A 32 9.88 -18.68 -15.53
N PRO A 33 10.91 -18.24 -16.23
CA PRO A 33 11.96 -17.40 -15.65
C PRO A 33 11.57 -15.97 -15.28
N VAL A 34 12.19 -15.49 -14.21
CA VAL A 34 12.03 -14.11 -13.75
C VAL A 34 13.43 -13.57 -13.45
N SER A 35 13.73 -12.39 -13.97
CA SER A 35 15.01 -11.75 -13.70
C SER A 35 14.68 -10.55 -12.79
N CYS A 36 15.69 -9.84 -12.30
CA CYS A 36 15.45 -8.72 -11.36
C CYS A 36 16.21 -7.44 -11.62
N ILE A 37 15.51 -6.31 -11.52
CA ILE A 37 16.14 -5.02 -11.73
C ILE A 37 15.91 -4.31 -10.41
N LYS A 38 16.87 -3.51 -9.99
CA LYS A 38 16.69 -2.77 -8.73
C LYS A 38 16.50 -1.28 -8.97
N ARG A 39 15.56 -0.67 -8.25
CA ARG A 39 15.35 0.79 -8.33
C ARG A 39 15.09 1.33 -6.91
N ASP A 40 15.07 2.64 -6.71
CA ASP A 40 14.87 3.18 -5.37
C ASP A 40 13.47 3.65 -4.91
N SER A 41 12.50 3.73 -5.82
CA SER A 41 11.16 4.23 -5.49
C SER A 41 10.17 3.58 -6.45
N PRO A 42 8.86 3.75 -6.22
CA PRO A 42 7.88 3.20 -7.14
C PRO A 42 7.87 3.93 -8.48
N ILE A 43 8.21 5.22 -8.46
CA ILE A 43 8.20 6.02 -9.67
C ILE A 43 9.36 5.74 -10.61
N GLN A 44 10.45 5.24 -10.04
CA GLN A 44 11.63 4.88 -10.81
C GLN A 44 11.43 3.55 -11.54
N CYS A 45 10.54 2.74 -10.97
CA CYS A 45 10.20 1.43 -11.52
C CYS A 45 9.18 1.61 -12.63
N ILE A 46 8.32 2.61 -12.45
CA ILE A 46 7.29 2.99 -13.43
C ILE A 46 8.05 3.51 -14.64
N GLN A 47 9.05 4.33 -14.38
CA GLN A 47 9.90 4.88 -15.43
C GLN A 47 10.76 3.83 -16.11
N ALA A 48 11.21 2.84 -15.34
CA ALA A 48 12.06 1.77 -15.88
C ALA A 48 11.27 0.81 -16.77
N ILE A 49 10.00 0.62 -16.41
CA ILE A 49 9.10 -0.25 -17.17
C ILE A 49 8.73 0.37 -18.52
N ALA A 50 8.58 1.69 -18.53
CA ALA A 50 8.24 2.42 -19.75
C ALA A 50 9.45 2.70 -20.63
N GLU A 51 10.64 2.57 -20.07
CA GLU A 51 11.87 2.82 -20.80
C GLU A 51 12.44 1.52 -21.33
N ASN A 52 11.68 0.44 -21.13
CA ASN A 52 12.02 -0.93 -21.50
C ASN A 52 13.20 -1.49 -20.75
N ARG A 53 13.21 -1.35 -19.43
CA ARG A 53 14.32 -1.87 -18.62
C ARG A 53 13.75 -2.82 -17.59
N ALA A 54 12.43 -2.86 -17.51
CA ALA A 54 11.74 -3.72 -16.59
C ALA A 54 10.39 -4.00 -17.22
N ASP A 55 9.73 -5.07 -16.81
CA ASP A 55 8.45 -5.39 -17.38
C ASP A 55 7.30 -5.39 -16.37
N ALA A 56 7.59 -5.57 -15.09
CA ALA A 56 6.49 -5.63 -14.14
C ALA A 56 6.79 -5.07 -12.75
N VAL A 57 5.75 -4.63 -12.07
CA VAL A 57 5.84 -4.13 -10.69
C VAL A 57 4.45 -4.04 -10.09
N THR A 58 4.36 -4.39 -8.82
CA THR A 58 3.11 -4.34 -8.11
C THR A 58 3.00 -2.96 -7.49
N LEU A 59 1.92 -2.27 -7.82
CA LEU A 59 1.68 -0.92 -7.33
C LEU A 59 0.41 -0.77 -6.53
N ASP A 60 0.40 0.25 -5.67
CA ASP A 60 -0.75 0.60 -4.85
C ASP A 60 -1.61 1.51 -5.74
N GLY A 61 -2.91 1.60 -5.46
CA GLY A 61 -3.89 2.43 -6.17
C GLY A 61 -3.49 3.88 -6.50
N GLY A 62 -2.75 4.52 -5.61
CA GLY A 62 -2.28 5.86 -5.86
C GLY A 62 -1.20 5.88 -6.91
N PHE A 63 -0.44 4.81 -7.03
CA PHE A 63 0.61 4.78 -8.00
C PHE A 63 0.25 4.14 -9.32
N ILE A 64 -0.89 3.44 -9.31
CA ILE A 64 -1.44 2.82 -10.52
C ILE A 64 -1.92 3.99 -11.36
N TYR A 65 -2.46 4.99 -10.65
CA TYR A 65 -2.92 6.26 -11.20
C TYR A 65 -1.82 7.03 -11.88
N GLU A 66 -0.69 7.17 -11.19
CA GLU A 66 0.43 7.91 -11.73
C GLU A 66 1.17 7.21 -12.86
N ALA A 67 1.07 5.88 -12.91
CA ALA A 67 1.68 5.08 -13.96
C ALA A 67 0.86 5.09 -15.26
N GLY A 68 -0.41 5.42 -15.13
CA GLY A 68 -1.33 5.45 -16.26
C GLY A 68 -1.36 6.76 -17.00
N LEU A 69 -0.63 7.76 -16.53
CA LEU A 69 -0.59 9.04 -17.24
C LEU A 69 0.62 9.03 -18.12
N ALA A 70 0.68 10.01 -19.02
CA ALA A 70 1.80 10.22 -19.93
C ALA A 70 3.03 10.72 -19.16
N PRO A 71 4.22 10.36 -19.62
CA PRO A 71 4.37 9.58 -20.85
C PRO A 71 4.45 8.07 -20.62
N TYR A 72 4.07 7.62 -19.43
CA TYR A 72 4.21 6.22 -19.06
C TYR A 72 3.20 5.24 -19.61
N LYS A 73 1.94 5.52 -19.35
CA LYS A 73 0.82 4.73 -19.84
C LYS A 73 0.89 3.25 -19.51
N LEU A 74 1.14 2.97 -18.24
CA LEU A 74 1.20 1.59 -17.77
C LEU A 74 -0.22 1.19 -17.50
N ARG A 75 -0.48 -0.10 -17.43
CA ARG A 75 -1.83 -0.59 -17.33
C ARG A 75 -1.86 -1.78 -16.37
N PRO A 76 -2.98 -2.00 -15.68
CA PRO A 76 -3.11 -3.09 -14.75
C PRO A 76 -3.37 -4.40 -15.47
N VAL A 77 -2.50 -5.36 -15.21
CA VAL A 77 -2.62 -6.64 -15.86
C VAL A 77 -3.02 -7.75 -14.90
N ALA A 78 -2.72 -7.58 -13.61
CA ALA A 78 -3.07 -8.61 -12.65
C ALA A 78 -3.27 -8.05 -11.24
N ALA A 79 -4.48 -8.18 -10.73
CA ALA A 79 -4.78 -7.71 -9.40
C ALA A 79 -4.40 -8.73 -8.37
N GLU A 80 -4.00 -8.22 -7.20
CA GLU A 80 -3.68 -9.06 -6.07
C GLU A 80 -5.03 -9.44 -5.48
N VAL A 81 -5.15 -10.67 -5.02
CA VAL A 81 -6.40 -11.16 -4.44
C VAL A 81 -6.22 -11.37 -2.94
N TYR A 82 -7.11 -10.77 -2.15
CA TYR A 82 -7.07 -10.88 -0.69
C TYR A 82 -8.22 -11.69 -0.14
N GLY A 83 -8.41 -11.60 1.17
CA GLY A 83 -9.50 -12.33 1.80
C GLY A 83 -9.10 -13.78 2.09
N THR A 84 -10.09 -14.59 2.42
CA THR A 84 -9.81 -15.97 2.70
C THR A 84 -9.92 -16.75 1.40
N GLU A 85 -9.46 -18.01 1.39
CA GLU A 85 -9.53 -18.83 0.20
C GLU A 85 -10.95 -19.30 -0.14
N ARG A 86 -11.80 -19.34 0.88
CA ARG A 86 -13.18 -19.74 0.70
C ARG A 86 -14.02 -18.50 0.35
N GLN A 87 -13.50 -17.31 0.64
CA GLN A 87 -14.18 -16.04 0.31
C GLN A 87 -13.21 -14.97 -0.18
N PRO A 88 -12.79 -15.03 -1.45
CA PRO A 88 -11.82 -14.07 -1.98
C PRO A 88 -12.39 -12.75 -2.50
N ARG A 89 -11.53 -11.73 -2.56
CA ARG A 89 -11.92 -10.39 -3.00
C ARG A 89 -10.76 -9.65 -3.66
N THR A 90 -11.05 -8.85 -4.69
CA THR A 90 -10.03 -8.05 -5.34
C THR A 90 -10.16 -6.60 -4.87
N HIS A 91 -10.47 -6.42 -3.58
CA HIS A 91 -10.60 -5.09 -3.00
C HIS A 91 -10.24 -5.10 -1.52
N TYR A 92 -9.93 -3.91 -1.01
CA TYR A 92 -9.66 -3.75 0.42
C TYR A 92 -10.43 -2.57 0.98
N TYR A 93 -10.34 -2.39 2.30
CA TYR A 93 -11.07 -1.35 2.99
C TYR A 93 -10.08 -0.38 3.65
N ALA A 94 -10.19 0.90 3.33
CA ALA A 94 -9.33 1.90 3.97
C ALA A 94 -9.99 2.23 5.30
N VAL A 95 -9.26 2.06 6.41
CA VAL A 95 -9.83 2.34 7.72
C VAL A 95 -8.98 3.27 8.57
N ALA A 96 -9.58 3.73 9.66
CA ALA A 96 -8.90 4.62 10.58
C ALA A 96 -8.92 3.99 11.95
N VAL A 97 -7.76 3.54 12.40
CA VAL A 97 -7.65 2.87 13.68
C VAL A 97 -7.18 3.82 14.78
N VAL A 98 -7.68 3.58 15.98
CA VAL A 98 -7.39 4.41 17.16
C VAL A 98 -7.37 3.53 18.40
N LYS A 99 -6.82 4.04 19.50
CA LYS A 99 -6.77 3.30 20.75
C LYS A 99 -8.15 3.39 21.41
N LYS A 100 -8.63 2.23 21.87
CA LYS A 100 -9.94 2.03 22.49
C LYS A 100 -10.11 2.81 23.78
N GLY A 101 -11.34 3.22 24.07
CA GLY A 101 -11.63 4.00 25.27
C GLY A 101 -11.20 5.41 24.93
N GLY A 102 -11.81 5.98 23.91
CA GLY A 102 -11.45 7.32 23.46
C GLY A 102 -12.74 8.12 23.33
N SER A 103 -12.59 9.43 23.28
CA SER A 103 -13.76 10.27 23.19
C SER A 103 -14.12 10.52 21.74
N PHE A 104 -13.08 10.84 20.96
CA PHE A 104 -13.22 11.22 19.56
C PHE A 104 -13.81 10.32 18.47
N GLN A 105 -14.32 11.00 17.45
CA GLN A 105 -14.91 10.37 16.27
C GLN A 105 -14.27 11.04 15.08
N LEU A 106 -14.69 10.66 13.87
CA LEU A 106 -14.11 11.20 12.64
C LEU A 106 -14.16 12.71 12.43
N ASN A 107 -15.25 13.34 12.86
CA ASN A 107 -15.39 14.79 12.69
C ASN A 107 -14.61 15.65 13.67
N GLU A 108 -14.26 15.10 14.83
CA GLU A 108 -13.48 15.87 15.78
C GLU A 108 -12.04 15.44 15.72
N LEU A 109 -11.43 15.52 14.55
CA LEU A 109 -10.06 15.10 14.40
C LEU A 109 -9.10 16.26 14.35
N GLN A 110 -9.61 17.49 14.42
CA GLN A 110 -8.75 18.67 14.31
C GLN A 110 -7.73 18.81 15.44
N GLY A 111 -6.48 19.02 15.04
CA GLY A 111 -5.41 19.18 16.02
C GLY A 111 -4.81 17.90 16.61
N LEU A 112 -5.36 16.73 16.28
CA LEU A 112 -4.80 15.47 16.79
C LEU A 112 -3.51 15.05 16.04
N LYS A 113 -2.96 13.88 16.37
CA LYS A 113 -1.72 13.45 15.72
C LYS A 113 -1.95 12.32 14.70
N SER A 114 -1.60 12.53 13.44
CA SER A 114 -1.88 11.49 12.43
C SER A 114 -0.73 10.62 11.91
N CYS A 115 -1.02 9.33 11.75
CA CYS A 115 -0.03 8.38 11.23
C CYS A 115 -0.52 7.93 9.83
N HIS A 116 0.28 8.18 8.80
CA HIS A 116 -0.11 7.84 7.43
C HIS A 116 0.84 6.84 6.77
N THR A 117 0.31 6.00 5.90
CA THR A 117 1.12 5.00 5.17
C THR A 117 2.09 5.64 4.19
N GLY A 118 1.69 6.77 3.60
CA GLY A 118 2.56 7.45 2.65
C GLY A 118 1.77 8.50 1.88
N LEU A 119 2.50 9.46 1.31
CA LEU A 119 1.87 10.53 0.57
C LEU A 119 1.42 9.98 -0.76
N ARG A 120 0.16 10.23 -1.08
CA ARG A 120 -0.49 9.78 -2.31
C ARG A 120 -0.68 8.28 -2.51
N SER A 121 -0.98 7.60 -1.40
CA SER A 121 -1.23 6.17 -1.40
C SER A 121 -2.72 6.13 -1.20
N THR A 122 -3.32 4.97 -1.36
CA THR A 122 -4.77 4.89 -1.27
C THR A 122 -5.38 5.07 0.10
N ALA A 123 -5.18 4.08 0.96
CA ALA A 123 -5.73 4.09 2.31
C ALA A 123 -5.08 5.06 3.29
N GLY A 124 -3.86 5.49 3.00
CA GLY A 124 -3.13 6.40 3.88
C GLY A 124 -3.13 7.87 3.45
N TRP A 125 -3.61 8.16 2.25
CA TRP A 125 -3.68 9.55 1.80
C TRP A 125 -4.92 9.92 1.03
N ASN A 126 -5.01 9.39 -0.20
CA ASN A 126 -6.11 9.65 -1.13
C ASN A 126 -7.45 9.45 -0.49
N VAL A 127 -7.59 8.31 0.18
CA VAL A 127 -8.83 8.05 0.90
C VAL A 127 -9.13 8.93 2.13
N PRO A 128 -8.23 9.02 3.11
CA PRO A 128 -8.51 9.83 4.28
C PRO A 128 -8.55 11.33 4.07
N ILE A 129 -7.72 11.83 3.15
CA ILE A 129 -7.71 13.26 2.85
C ILE A 129 -8.95 13.65 2.03
N GLY A 130 -9.50 12.67 1.29
CA GLY A 130 -10.72 12.86 0.52
C GLY A 130 -11.95 12.86 1.42
N THR A 131 -11.96 11.96 2.40
CA THR A 131 -13.05 11.85 3.35
C THR A 131 -13.11 13.04 4.33
N LEU A 132 -11.94 13.56 4.68
CA LEU A 132 -11.79 14.69 5.60
C LEU A 132 -11.76 16.07 4.96
N ARG A 133 -12.05 16.14 3.67
CA ARG A 133 -12.04 17.41 2.91
C ARG A 133 -12.95 18.59 3.35
N PRO A 134 -14.13 18.32 3.93
CA PRO A 134 -14.99 19.40 4.44
C PRO A 134 -14.46 20.05 5.70
N PHE A 135 -13.69 19.28 6.46
CA PHE A 135 -13.12 19.75 7.70
C PHE A 135 -11.88 20.61 7.51
N LEU A 136 -11.27 20.55 6.34
CA LEU A 136 -10.06 21.34 6.09
C LEU A 136 -10.24 22.83 5.74
N ASN A 137 -9.14 23.58 5.88
CA ASN A 137 -9.07 25.01 5.57
C ASN A 137 -8.50 25.18 4.14
N TRP A 138 -9.04 24.44 3.18
CA TRP A 138 -8.54 24.51 1.80
C TRP A 138 -9.40 25.44 0.95
N THR A 139 -8.74 26.31 0.21
CA THR A 139 -9.44 27.27 -0.65
C THR A 139 -9.23 26.87 -2.10
N GLY A 140 -8.62 25.71 -2.29
CA GLY A 140 -8.32 25.22 -3.63
C GLY A 140 -6.92 25.72 -4.05
N PRO A 141 -6.50 25.35 -5.25
CA PRO A 141 -5.19 25.70 -5.84
C PRO A 141 -4.89 27.20 -6.02
N PRO A 142 -3.61 27.57 -6.17
CA PRO A 142 -2.48 26.66 -6.32
C PRO A 142 -1.80 26.22 -5.04
N GLU A 143 -2.49 26.40 -3.91
CA GLU A 143 -1.95 25.98 -2.63
C GLU A 143 -2.04 24.45 -2.59
N PRO A 144 -0.94 23.79 -2.24
CA PRO A 144 -0.89 22.33 -2.20
C PRO A 144 -1.70 21.85 -1.00
N ILE A 145 -2.31 20.69 -1.18
CA ILE A 145 -3.16 20.02 -0.20
C ILE A 145 -2.47 19.66 1.13
N GLU A 146 -1.15 19.48 1.06
CA GLU A 146 -0.29 19.16 2.18
C GLU A 146 -0.30 20.22 3.26
N ALA A 147 -0.29 21.48 2.80
CA ALA A 147 -0.32 22.66 3.68
C ALA A 147 -1.59 22.75 4.51
N ALA A 148 -2.72 22.37 3.91
CA ALA A 148 -3.99 22.43 4.62
C ALA A 148 -4.16 21.30 5.63
N VAL A 149 -3.60 20.13 5.33
CA VAL A 149 -3.64 19.01 6.26
C VAL A 149 -2.56 19.22 7.31
N ALA A 150 -1.58 20.06 6.99
CA ALA A 150 -0.54 20.47 7.94
C ALA A 150 -1.08 21.41 9.03
N ARG A 151 -2.21 22.06 8.80
CA ARG A 151 -2.80 22.94 9.79
C ARG A 151 -3.89 22.20 10.53
N PHE A 152 -4.36 21.12 9.93
CA PHE A 152 -5.45 20.33 10.51
C PHE A 152 -4.96 19.49 11.68
N PHE A 153 -4.03 18.59 11.39
CA PHE A 153 -3.43 17.74 12.40
C PHE A 153 -2.30 18.59 12.98
N SER A 154 -1.99 18.40 14.25
CA SER A 154 -0.91 19.17 14.88
C SER A 154 0.45 18.62 14.51
N ALA A 155 0.49 17.33 14.18
CA ALA A 155 1.70 16.66 13.77
C ALA A 155 1.31 15.34 13.12
N SER A 156 2.06 15.00 12.07
CA SER A 156 1.83 13.78 11.33
C SER A 156 3.12 13.12 10.92
N CYS A 157 2.96 11.98 10.28
CA CYS A 157 4.06 11.27 9.67
C CYS A 157 3.46 10.81 8.36
N VAL A 158 3.78 11.55 7.30
CA VAL A 158 3.26 11.28 5.98
C VAL A 158 4.50 11.12 5.14
N PRO A 159 4.97 9.88 5.03
CA PRO A 159 6.19 9.55 4.28
C PRO A 159 6.15 9.88 2.80
N GLY A 160 7.22 10.50 2.33
CA GLY A 160 7.26 10.94 0.96
C GLY A 160 7.05 12.46 0.88
N ALA A 161 6.50 13.06 1.94
CA ALA A 161 6.28 14.53 1.98
C ALA A 161 7.56 15.37 2.17
N ASP A 162 7.47 16.67 1.87
CA ASP A 162 8.62 17.57 1.98
C ASP A 162 8.90 18.04 3.41
N LYS A 163 10.11 17.77 3.88
CA LYS A 163 10.57 18.14 5.22
C LYS A 163 10.71 19.64 5.36
N GLY A 164 11.09 20.29 4.26
CA GLY A 164 11.27 21.73 4.24
C GLY A 164 9.94 22.45 4.04
N GLN A 165 9.19 21.98 3.04
CA GLN A 165 7.90 22.56 2.68
C GLN A 165 6.76 22.33 3.65
N PHE A 166 6.71 21.15 4.25
CA PHE A 166 5.65 20.82 5.24
C PHE A 166 6.32 20.04 6.38
N PRO A 167 6.99 20.76 7.28
CA PRO A 167 7.72 20.15 8.40
C PRO A 167 6.90 19.42 9.46
N ASN A 168 5.64 19.84 9.57
CA ASN A 168 4.67 19.28 10.49
C ASN A 168 4.24 17.87 10.08
N LEU A 169 4.28 17.61 8.77
CA LEU A 169 3.91 16.33 8.15
C LEU A 169 4.92 15.20 8.37
N CYS A 170 6.15 15.56 8.75
CA CYS A 170 7.20 14.58 8.97
C CYS A 170 7.62 14.50 10.42
N ARG A 171 7.04 15.34 11.28
CA ARG A 171 7.46 15.44 12.67
C ARG A 171 7.41 14.20 13.52
N LEU A 172 6.37 13.39 13.32
CA LEU A 172 6.25 12.14 14.05
C LEU A 172 6.96 10.98 13.39
N CYS A 173 7.63 11.24 12.27
CA CYS A 173 8.33 10.16 11.58
C CYS A 173 9.57 9.83 12.39
N ALA A 174 9.84 8.54 12.54
CA ALA A 174 10.95 8.07 13.35
C ALA A 174 12.20 7.57 12.63
N GLY A 175 12.41 8.04 11.40
CA GLY A 175 13.58 7.65 10.63
C GLY A 175 14.80 8.43 11.12
N THR A 176 15.98 7.93 10.81
CA THR A 176 17.17 8.61 11.31
C THR A 176 17.94 9.33 10.22
N GLY A 177 18.15 10.63 10.45
CA GLY A 177 18.90 11.50 9.56
C GLY A 177 18.23 11.78 8.23
N GLU A 178 18.77 11.18 7.18
CA GLU A 178 18.24 11.38 5.85
C GLU A 178 17.11 10.40 5.50
N ASN A 179 16.71 9.57 6.46
CA ASN A 179 15.64 8.61 6.21
C ASN A 179 14.33 8.99 6.86
N LYS A 180 14.38 9.97 7.75
CA LYS A 180 13.20 10.42 8.47
C LYS A 180 12.27 11.04 7.46
N CYS A 181 11.09 10.45 7.36
CA CYS A 181 10.04 10.81 6.43
C CYS A 181 10.33 10.37 4.99
N ALA A 182 11.20 9.39 4.81
CA ALA A 182 11.52 8.91 3.49
C ALA A 182 10.49 7.86 3.12
N PHE A 183 10.20 7.77 1.82
CA PHE A 183 9.22 6.80 1.27
C PHE A 183 9.92 5.45 1.03
N SER A 184 10.25 4.75 2.12
CA SER A 184 10.93 3.46 2.04
C SER A 184 10.93 2.79 3.41
N SER A 185 11.41 1.56 3.47
CA SER A 185 11.49 0.76 4.71
C SER A 185 12.51 1.26 5.71
N GLN A 186 13.32 2.23 5.31
CA GLN A 186 14.31 2.80 6.20
C GLN A 186 13.64 3.68 7.23
N GLU A 187 12.54 4.32 6.84
CA GLU A 187 11.69 5.05 7.76
C GLU A 187 10.80 3.95 8.31
N PRO A 188 10.74 3.78 9.63
CA PRO A 188 9.96 2.69 10.22
C PRO A 188 8.47 2.93 10.39
N TYR A 189 8.00 4.12 10.01
CA TYR A 189 6.59 4.43 10.16
C TYR A 189 5.91 4.44 8.78
N PHE A 190 6.66 3.92 7.82
CA PHE A 190 6.28 3.81 6.42
C PHE A 190 5.38 2.60 6.23
N SER A 191 4.38 2.76 5.36
CA SER A 191 3.44 1.73 4.96
C SER A 191 2.42 1.34 6.00
N TYR A 192 1.61 0.34 5.66
CA TYR A 192 0.53 -0.17 6.49
C TYR A 192 0.97 -0.52 7.91
N SER A 193 2.04 -1.30 7.99
CA SER A 193 2.59 -1.73 9.27
C SER A 193 3.32 -0.64 10.02
N GLY A 194 3.95 0.28 9.30
CA GLY A 194 4.70 1.35 9.93
C GLY A 194 3.78 2.41 10.53
N ALA A 195 2.68 2.64 9.84
CA ALA A 195 1.70 3.61 10.24
C ALA A 195 0.94 3.10 11.46
N PHE A 196 0.75 1.79 11.50
CA PHE A 196 0.11 1.12 12.63
C PHE A 196 1.06 1.13 13.82
N LYS A 197 2.36 1.04 13.53
CA LYS A 197 3.44 1.08 14.52
C LYS A 197 3.53 2.45 15.20
N CYS A 198 3.19 3.48 14.44
CA CYS A 198 3.17 4.87 14.90
C CYS A 198 2.00 5.11 15.89
N LEU A 199 0.97 4.28 15.80
CA LEU A 199 -0.15 4.39 16.73
C LEU A 199 0.17 3.59 17.98
N ARG A 200 0.76 2.40 17.77
CA ARG A 200 1.17 1.42 18.78
C ARG A 200 2.23 2.00 19.72
N ASP A 201 3.13 2.78 19.14
CA ASP A 201 4.15 3.49 19.89
C ASP A 201 3.68 4.75 20.62
N GLY A 202 2.41 5.14 20.47
CA GLY A 202 1.86 6.31 21.17
C GLY A 202 2.24 7.66 20.55
N ALA A 203 2.77 7.60 19.34
CA ALA A 203 3.19 8.77 18.61
C ALA A 203 2.02 9.53 18.00
N GLY A 204 1.06 8.80 17.45
CA GLY A 204 -0.09 9.41 16.79
C GLY A 204 -1.36 8.99 17.50
N ASP A 205 -2.48 9.63 17.16
CA ASP A 205 -3.73 9.29 17.80
C ASP A 205 -4.54 8.41 16.89
N VAL A 206 -4.27 8.56 15.61
CA VAL A 206 -5.00 7.83 14.59
C VAL A 206 -4.09 7.35 13.48
N ALA A 207 -4.38 6.15 12.99
CA ALA A 207 -3.61 5.59 11.89
C ALA A 207 -4.57 5.27 10.75
N PHE A 208 -4.23 5.72 9.55
CA PHE A 208 -5.06 5.45 8.38
C PHE A 208 -4.46 4.30 7.62
N ILE A 209 -4.98 3.11 7.89
CA ILE A 209 -4.44 1.91 7.28
C ILE A 209 -5.54 1.05 6.71
N ARG A 210 -5.18 -0.13 6.22
CA ARG A 210 -6.19 -1.04 5.69
C ARG A 210 -6.67 -1.97 6.78
N GLU A 211 -7.71 -2.73 6.49
CA GLU A 211 -8.36 -3.60 7.46
C GLU A 211 -7.67 -4.81 8.06
N SER A 212 -6.61 -5.32 7.47
CA SER A 212 -6.06 -6.54 8.05
C SER A 212 -4.82 -6.34 8.90
N THR A 213 -4.24 -5.15 8.79
CA THR A 213 -3.04 -4.70 9.49
C THR A 213 -2.94 -4.98 11.00
N VAL A 214 -4.06 -4.90 11.71
CA VAL A 214 -4.04 -5.19 13.13
C VAL A 214 -4.23 -6.69 13.37
N PHE A 215 -4.58 -7.43 12.34
CA PHE A 215 -4.71 -8.86 12.54
C PHE A 215 -3.38 -9.52 12.23
N GLU A 216 -2.64 -8.89 11.33
CA GLU A 216 -1.35 -9.38 10.92
C GLU A 216 -0.33 -9.12 12.01
N ASP A 217 -0.14 -7.84 12.25
CA ASP A 217 0.85 -7.35 13.18
C ASP A 217 0.62 -7.61 14.66
N LEU A 218 -0.63 -7.76 15.09
CA LEU A 218 -0.88 -8.11 16.47
C LEU A 218 -1.41 -9.52 16.49
N SER A 219 -0.55 -10.48 16.78
CA SER A 219 -0.93 -11.88 16.83
C SER A 219 -1.70 -12.19 18.12
N ASP A 220 -1.41 -11.43 19.16
CA ASP A 220 -2.08 -11.61 20.43
C ASP A 220 -3.40 -10.84 20.52
N GLU A 221 -4.48 -11.60 20.66
CA GLU A 221 -5.87 -11.13 20.80
C GLU A 221 -6.21 -10.02 21.83
N ALA A 222 -5.47 -9.98 22.94
CA ALA A 222 -5.67 -8.99 23.99
C ALA A 222 -5.27 -7.61 23.52
N GLU A 223 -4.20 -7.56 22.73
CA GLU A 223 -3.73 -6.30 22.22
C GLU A 223 -4.54 -5.74 21.05
N ARG A 224 -5.24 -6.60 20.30
CA ARG A 224 -6.09 -6.17 19.17
C ARG A 224 -7.36 -5.52 19.72
N ASP A 225 -7.71 -5.94 20.93
CA ASP A 225 -8.86 -5.46 21.68
C ASP A 225 -8.65 -4.04 22.19
N GLU A 226 -7.39 -3.63 22.26
CA GLU A 226 -7.02 -2.28 22.68
C GLU A 226 -7.26 -1.24 21.58
N TYR A 227 -7.59 -1.67 20.37
CA TYR A 227 -7.82 -0.74 19.28
C TYR A 227 -9.25 -0.84 18.81
N GLU A 228 -9.72 0.18 18.12
CA GLU A 228 -11.06 0.16 17.56
C GLU A 228 -11.07 1.04 16.31
N LEU A 229 -12.21 1.05 15.63
CA LEU A 229 -12.32 1.77 14.39
C LEU A 229 -13.25 2.99 14.44
N LEU A 230 -12.85 4.06 13.76
CA LEU A 230 -13.64 5.28 13.67
C LEU A 230 -14.49 5.17 12.41
N CYS A 231 -15.78 4.91 12.58
CA CYS A 231 -16.70 4.80 11.45
C CYS A 231 -17.12 6.16 10.91
N PRO A 232 -17.52 6.24 9.64
CA PRO A 232 -17.86 7.53 9.06
C PRO A 232 -19.23 8.12 9.39
N ASP A 233 -20.00 7.41 10.19
CA ASP A 233 -21.28 7.91 10.66
C ASP A 233 -21.06 8.60 12.01
N ASN A 234 -19.78 8.60 12.39
CA ASN A 234 -19.27 9.16 13.64
C ASN A 234 -19.52 8.37 14.91
N THR A 235 -19.28 7.07 14.80
CA THR A 235 -19.35 6.14 15.94
C THR A 235 -18.03 5.33 15.95
N ARG A 236 -17.83 4.53 17.00
CA ARG A 236 -16.62 3.73 17.15
C ARG A 236 -16.99 2.26 17.24
N LYS A 237 -16.60 1.45 16.25
CA LYS A 237 -16.86 0.02 16.30
C LYS A 237 -15.49 -0.68 16.43
N PRO A 238 -15.46 -1.99 16.69
CA PRO A 238 -14.21 -2.71 16.85
C PRO A 238 -13.51 -3.04 15.53
N VAL A 239 -12.31 -3.61 15.63
CA VAL A 239 -11.53 -3.95 14.45
C VAL A 239 -12.02 -5.14 13.64
N ASP A 240 -12.92 -5.94 14.20
CA ASP A 240 -13.45 -7.04 13.43
C ASP A 240 -14.69 -6.60 12.63
N LYS A 241 -15.09 -5.34 12.80
CA LYS A 241 -16.25 -4.83 12.11
C LYS A 241 -15.97 -3.83 10.98
N PHE A 242 -14.85 -4.01 10.29
CA PHE A 242 -14.41 -3.15 9.16
C PHE A 242 -15.38 -3.09 7.96
N LYS A 243 -16.11 -4.20 7.76
CA LYS A 243 -17.09 -4.40 6.69
C LYS A 243 -18.24 -3.40 6.75
N ASP A 244 -18.47 -2.83 7.93
CA ASP A 244 -19.51 -1.85 8.07
C ASP A 244 -18.86 -0.55 8.50
N CYS A 245 -17.62 -0.65 8.97
CA CYS A 245 -16.94 0.54 9.48
C CYS A 245 -15.68 0.88 8.70
N HIS A 246 -15.82 1.55 7.57
CA HIS A 246 -14.65 1.88 6.77
C HIS A 246 -14.81 3.18 6.01
N LEU A 247 -13.68 3.74 5.58
CA LEU A 247 -13.69 5.03 4.89
C LEU A 247 -13.99 4.90 3.41
N ALA A 248 -13.69 3.73 2.84
CA ALA A 248 -13.92 3.41 1.45
C ALA A 248 -13.50 1.99 1.19
N ARG A 249 -14.09 1.38 0.16
CA ARG A 249 -13.69 0.06 -0.28
C ARG A 249 -12.84 0.41 -1.49
N VAL A 250 -11.59 -0.02 -1.53
CA VAL A 250 -10.72 0.37 -2.63
C VAL A 250 -10.18 -0.82 -3.41
N PRO A 251 -9.90 -0.61 -4.71
CA PRO A 251 -9.39 -1.68 -5.55
C PRO A 251 -7.99 -2.06 -5.13
N SER A 252 -7.74 -3.36 -5.15
CA SER A 252 -6.48 -3.99 -4.77
C SER A 252 -5.28 -3.57 -5.61
N HIS A 253 -4.10 -3.83 -5.06
CA HIS A 253 -2.81 -3.49 -5.65
C HIS A 253 -2.66 -4.34 -6.93
N ALA A 254 -2.11 -3.80 -8.00
CA ALA A 254 -2.03 -4.58 -9.23
C ALA A 254 -0.68 -4.53 -9.85
N VAL A 255 -0.38 -5.54 -10.66
CA VAL A 255 0.89 -5.58 -11.33
C VAL A 255 0.62 -4.78 -12.55
N VAL A 256 1.51 -3.83 -12.84
CA VAL A 256 1.36 -3.01 -14.03
C VAL A 256 2.42 -3.34 -15.05
N ALA A 257 2.05 -3.20 -16.31
CA ALA A 257 2.98 -3.48 -17.39
C ALA A 257 2.69 -2.42 -18.42
N ARG A 258 3.43 -2.47 -19.51
CA ARG A 258 3.26 -1.54 -20.62
C ARG A 258 1.98 -1.86 -21.36
N SER A 259 1.37 -0.82 -21.90
CA SER A 259 0.15 -0.93 -22.70
C SER A 259 0.49 -1.20 -24.17
N VAL A 260 1.77 -1.21 -24.49
CA VAL A 260 2.29 -1.47 -25.84
C VAL A 260 3.58 -2.26 -25.67
N ASN A 261 3.60 -3.51 -26.16
CA ASN A 261 4.70 -4.49 -26.03
C ASN A 261 4.97 -4.76 -24.55
N GLY A 262 3.93 -5.03 -23.79
CA GLY A 262 4.03 -5.19 -22.34
C GLY A 262 4.35 -6.59 -21.83
N LYS A 263 4.22 -7.56 -22.74
CA LYS A 263 4.43 -8.99 -22.50
C LYS A 263 3.47 -9.46 -21.45
N GLU A 264 2.19 -9.17 -21.60
CA GLU A 264 1.29 -9.58 -20.53
C GLU A 264 0.83 -11.02 -20.38
N ASP A 265 1.18 -11.84 -21.38
CA ASP A 265 0.86 -13.23 -21.27
C ASP A 265 1.99 -13.86 -20.50
N ALA A 266 3.20 -13.37 -20.75
CA ALA A 266 4.43 -13.84 -20.05
C ALA A 266 4.36 -13.50 -18.57
N ILE A 267 3.87 -12.28 -18.29
CA ILE A 267 3.70 -11.78 -16.95
C ILE A 267 2.68 -12.63 -16.19
N TRP A 268 1.58 -12.96 -16.86
CA TRP A 268 0.52 -13.77 -16.25
C TRP A 268 0.87 -15.24 -16.01
N ASN A 269 1.62 -15.80 -16.96
CA ASN A 269 2.06 -17.18 -16.90
C ASN A 269 3.06 -17.37 -15.78
N LEU A 270 3.85 -16.33 -15.53
CA LEU A 270 4.79 -16.31 -14.43
C LEU A 270 4.03 -16.18 -13.12
N LEU A 271 2.99 -15.36 -13.10
CA LEU A 271 2.21 -15.19 -11.87
C LEU A 271 1.31 -16.35 -11.47
N ARG A 272 0.72 -17.01 -12.46
CA ARG A 272 -0.16 -18.14 -12.21
C ARG A 272 0.57 -19.37 -11.66
N GLN A 273 1.74 -19.61 -12.24
CA GLN A 273 2.58 -20.72 -11.84
C GLN A 273 3.33 -20.46 -10.54
N ALA A 274 3.69 -19.19 -10.30
CA ALA A 274 4.31 -18.77 -9.05
C ALA A 274 3.31 -18.90 -7.91
N GLN A 275 2.06 -18.60 -8.20
CA GLN A 275 0.98 -18.71 -7.23
C GLN A 275 0.66 -20.18 -6.94
N GLU A 276 0.73 -21.00 -7.98
CA GLU A 276 0.46 -22.42 -7.89
C GLU A 276 1.54 -23.16 -7.12
N LYS A 277 2.78 -22.90 -7.47
CA LYS A 277 3.88 -23.57 -6.78
C LYS A 277 4.27 -22.93 -5.45
N PHE A 278 4.21 -21.60 -5.37
CA PHE A 278 4.64 -20.94 -4.14
C PHE A 278 3.62 -20.04 -3.45
N GLY A 279 2.34 -20.42 -3.50
CA GLY A 279 1.30 -19.62 -2.88
C GLY A 279 1.09 -19.91 -1.40
N LYS A 280 -0.11 -19.63 -0.90
CA LYS A 280 -0.41 -19.87 0.50
C LYS A 280 -0.46 -21.34 0.79
N ASP A 281 0.45 -21.77 1.67
CA ASP A 281 0.58 -23.16 2.12
C ASP A 281 0.98 -24.18 1.04
N LYS A 282 1.72 -23.73 0.04
CA LYS A 282 2.13 -24.63 -1.05
C LYS A 282 3.53 -25.21 -0.88
N SER A 283 4.55 -24.35 -0.82
CA SER A 283 5.92 -24.81 -0.61
C SER A 283 6.46 -24.26 0.68
N PRO A 284 7.38 -25.00 1.28
CA PRO A 284 8.00 -24.55 2.52
C PRO A 284 9.34 -23.90 2.20
N LYS A 285 9.74 -24.00 0.93
CA LYS A 285 11.01 -23.42 0.49
C LYS A 285 10.90 -21.94 0.11
N PHE A 286 9.83 -21.58 -0.56
CA PHE A 286 9.61 -20.19 -0.96
C PHE A 286 8.14 -19.83 -0.77
N GLN A 287 7.93 -18.61 -0.31
CA GLN A 287 6.58 -18.06 -0.13
C GLN A 287 6.54 -16.77 -0.96
N LEU A 288 5.60 -16.71 -1.92
CA LEU A 288 5.49 -15.53 -2.78
C LEU A 288 4.81 -14.34 -2.05
N PHE A 289 3.99 -14.68 -1.06
CA PHE A 289 3.24 -13.73 -0.23
C PHE A 289 3.66 -13.71 1.25
N GLY A 290 4.97 -13.84 1.50
CA GLY A 290 5.50 -13.78 2.86
C GLY A 290 6.80 -13.03 2.74
N SER A 291 7.36 -12.52 3.83
CA SER A 291 8.62 -11.78 3.79
C SER A 291 9.42 -12.22 5.04
N PRO A 292 10.72 -11.98 5.10
CA PRO A 292 11.52 -12.34 6.28
C PRO A 292 11.25 -11.37 7.45
N SER A 293 11.45 -11.86 8.69
CA SER A 293 11.18 -11.10 9.92
C SER A 293 11.88 -9.76 10.04
N GLY A 294 11.09 -8.71 10.25
CA GLY A 294 11.63 -7.37 10.32
C GLY A 294 11.34 -6.61 9.03
N GLN A 295 10.93 -7.33 7.99
CA GLN A 295 10.58 -6.72 6.71
C GLN A 295 9.09 -6.97 6.46
N LYS A 296 8.44 -6.14 5.66
CA LYS A 296 7.01 -6.35 5.34
C LYS A 296 6.67 -6.11 3.89
N ASP A 297 5.76 -6.92 3.36
CA ASP A 297 5.27 -6.89 1.98
C ASP A 297 6.31 -6.68 0.89
N LEU A 298 7.22 -7.63 0.72
CA LEU A 298 8.21 -7.46 -0.33
C LEU A 298 7.60 -8.01 -1.62
N LEU A 299 7.70 -7.25 -2.71
CA LEU A 299 7.17 -7.56 -4.06
C LEU A 299 5.65 -7.55 -4.19
N PHE A 300 4.99 -8.24 -3.27
CA PHE A 300 3.55 -8.37 -3.23
C PHE A 300 3.20 -8.25 -1.76
N LYS A 301 1.91 -8.16 -1.50
CA LYS A 301 1.36 -8.06 -0.14
C LYS A 301 1.41 -9.39 0.59
N ASP A 302 1.75 -9.36 1.88
CA ASP A 302 1.77 -10.56 2.73
C ASP A 302 0.32 -10.99 3.02
N SER A 303 0.07 -12.28 2.87
CA SER A 303 -1.25 -12.87 3.06
C SER A 303 -2.33 -12.52 2.05
N ALA A 304 -1.86 -12.25 0.83
CA ALA A 304 -2.70 -12.11 -0.34
C ALA A 304 -2.72 -13.60 -0.71
N ILE A 305 -3.79 -14.08 -1.32
CA ILE A 305 -3.85 -15.50 -1.64
C ILE A 305 -3.68 -15.84 -3.11
N GLY A 306 -3.49 -14.83 -3.95
CA GLY A 306 -3.32 -15.12 -5.36
C GLY A 306 -3.53 -13.94 -6.28
N PHE A 307 -3.63 -14.22 -7.57
CA PHE A 307 -3.79 -13.16 -8.53
C PHE A 307 -5.06 -13.35 -9.33
N SER A 308 -5.53 -12.27 -9.96
CA SER A 308 -6.73 -12.34 -10.78
C SER A 308 -6.42 -11.50 -11.98
N ARG A 309 -6.63 -12.05 -13.17
CA ARG A 309 -6.30 -11.32 -14.38
C ARG A 309 -7.26 -10.19 -14.73
N VAL A 310 -6.69 -9.05 -15.09
CA VAL A 310 -7.50 -7.91 -15.47
C VAL A 310 -7.85 -8.14 -16.94
N PRO A 311 -9.11 -7.89 -17.29
CA PRO A 311 -9.61 -8.06 -18.65
C PRO A 311 -8.99 -7.01 -19.54
N PRO A 312 -8.88 -7.32 -20.82
CA PRO A 312 -8.24 -6.40 -21.77
C PRO A 312 -9.02 -5.12 -22.03
N ARG A 313 -8.29 -4.09 -22.46
CA ARG A 313 -8.82 -2.77 -22.76
C ARG A 313 -9.32 -1.99 -21.54
N ILE A 314 -8.69 -2.23 -20.39
CA ILE A 314 -9.00 -1.53 -19.16
C ILE A 314 -7.74 -0.79 -18.73
N ASP A 315 -7.84 0.51 -18.59
CA ASP A 315 -6.69 1.28 -18.19
C ASP A 315 -6.73 1.50 -16.68
N SER A 316 -5.86 2.37 -16.21
CA SER A 316 -5.77 2.73 -14.80
C SER A 316 -7.07 3.30 -14.23
N GLY A 317 -7.69 4.19 -14.98
CA GLY A 317 -8.93 4.85 -14.59
C GLY A 317 -10.12 3.94 -14.49
N LEU A 318 -10.16 2.95 -15.38
CA LEU A 318 -11.25 1.98 -15.37
C LEU A 318 -11.03 0.97 -14.26
N TYR A 319 -9.77 0.77 -13.92
CA TYR A 319 -9.39 -0.16 -12.86
C TYR A 319 -9.74 0.41 -11.50
N LEU A 320 -9.37 1.67 -11.30
CA LEU A 320 -9.57 2.40 -10.03
C LEU A 320 -11.00 2.59 -9.56
N GLY A 321 -11.93 2.53 -10.49
CA GLY A 321 -13.34 2.68 -10.19
C GLY A 321 -13.75 4.11 -10.40
N SER A 322 -14.99 4.29 -10.79
CA SER A 322 -15.54 5.61 -11.02
C SER A 322 -15.89 6.05 -9.60
N GLY A 323 -15.32 7.16 -9.19
CA GLY A 323 -15.56 7.61 -7.83
C GLY A 323 -14.20 7.70 -7.19
N TYR A 324 -13.23 8.14 -7.98
CA TYR A 324 -11.89 8.32 -7.46
C TYR A 324 -11.48 9.79 -7.47
N PHE A 325 -11.32 10.30 -6.25
CA PHE A 325 -10.91 11.67 -5.89
C PHE A 325 -11.23 12.93 -6.68
FE FE B . -2.56 0.21 -0.49
C CO3 C . -1.53 2.12 0.81
O1 CO3 C . -0.82 1.18 0.14
O2 CO3 C . -2.84 2.21 0.88
O3 CO3 C . -0.95 2.89 1.52
#